data_5FIO
#
_entry.id   5FIO
#
_cell.length_a   72.610
_cell.length_b   43.790
_cell.length_c   82.420
_cell.angle_alpha   90.00
_cell.angle_beta   108.28
_cell.angle_gamma   90.00
#
_symmetry.space_group_name_H-M   'P 1 21 1'
#
loop_
_entity.id
_entity.type
_entity.pdbx_description
1 polymer 'NI3C DARPIN MUTANT5 HG-SITE N1'
2 polymer 'MALTOSE-BINDING PERIPLASMIC PROTEIN'
3 non-polymer 'MERCURY (II) ION'
4 water water
#
loop_
_entity_poly.entity_id
_entity_poly.type
_entity_poly.pdbx_seq_one_letter_code
_entity_poly.pdbx_strand_id
1 'polypeptide(L)'
;MRGSHHHHHHGSDLGRKLLEAARAGQDDECRILMANGADVNAADNTGTTPLHLAAYSGHLEIVECLLKHGADVDASDVFG
YTPLHLAAYWGHLEIVEVLLKNGADVNAMDSDGMTPLHLAAKWGYLEIVEVLLKHGADVNAQDKFGKTPFDLAIDNGNED
IAEVLQKAAKLN
;
A
2 'polypeptide(L)'
;MRGSHHHHHHGSGSMKTEEGKLVIWINGDKGYNGLAEVGKKFEKDTGIKVTVEHPDKLEEKFPQVAATGDGPDIIFWAHD
RFGGYAQSGLLAEITPDKAFQDKLYPFTWDAVRYNGKLIAYPIAVEALSLIYNKDLLPNPPKTWEEIPALDKELKAKGKS
ALMFNLQEPYFTWPLIAADGGYAFKYENGKYDIKDVGVDNAGAKAGLTFLVDLIKNKHMNADTDYSIAEAAFNKGETAMT
INGPWAWSNIDTSKVNYGVTVLPTFKGQPSKPFVGVLSAGINAASPNKELAKEFLENYLLTDEGLEAVNKDKPLGAVALK
SYEEELAKDPRIAATMENAQKGEIMPNIPQMSAFWYAVRTAVINAASGRQTVDEALKDAQTGSGGTPGRPAAKLN
;
B
#
loop_
_chem_comp.id
_chem_comp.type
_chem_comp.name
_chem_comp.formula
HG non-polymer 'MERCURY (II) ION' 'Hg 2'
#
# COMPACT_ATOMS: atom_id res chain seq x y z
N GLY A 11 -6.66 -19.03 -25.38
CA GLY A 11 -5.91 -20.27 -25.33
C GLY A 11 -6.37 -21.17 -24.19
N SER A 12 -7.10 -20.59 -23.24
CA SER A 12 -7.64 -21.35 -22.12
C SER A 12 -6.54 -22.03 -21.31
N ASP A 13 -6.65 -23.35 -21.14
CA ASP A 13 -5.72 -24.11 -20.30
C ASP A 13 -4.27 -23.98 -20.77
N LEU A 14 -4.02 -24.33 -22.03
CA LEU A 14 -2.66 -24.29 -22.57
C LEU A 14 -2.14 -22.86 -22.72
N GLY A 15 -3.03 -21.93 -23.05
CA GLY A 15 -2.65 -20.54 -23.21
C GLY A 15 -2.10 -19.96 -21.92
N ARG A 16 -2.83 -20.16 -20.82
CA ARG A 16 -2.38 -19.68 -19.52
C ARG A 16 -1.03 -20.29 -19.16
N LYS A 17 -0.86 -21.58 -19.46
CA LYS A 17 0.40 -22.26 -19.21
C LYS A 17 1.52 -21.64 -20.05
N LEU A 18 1.22 -21.31 -21.29
CA LEU A 18 2.21 -20.70 -22.18
C LEU A 18 2.64 -19.34 -21.66
N LEU A 19 1.69 -18.56 -21.16
CA LEU A 19 2.01 -17.26 -20.57
C LEU A 19 2.94 -17.46 -19.37
N GLU A 20 2.62 -18.43 -18.54
CA GLU A 20 3.43 -18.71 -17.36
C GLU A 20 4.83 -19.19 -17.73
N ALA A 21 4.91 -20.06 -18.74
CA ALA A 21 6.19 -20.58 -19.19
C ALA A 21 7.05 -19.44 -19.75
N ALA A 22 6.42 -18.52 -20.46
CA ALA A 22 7.11 -17.38 -21.03
C ALA A 22 7.63 -16.45 -19.94
N ARG A 23 6.79 -16.19 -18.95
CA ARG A 23 7.16 -15.31 -17.85
C ARG A 23 8.33 -15.89 -17.06
N ALA A 24 8.28 -17.20 -16.83
CA ALA A 24 9.28 -17.87 -16.00
C ALA A 24 10.56 -18.20 -16.77
N GLY A 25 10.57 -17.89 -18.07
CA GLY A 25 11.72 -18.16 -18.90
C GLY A 25 12.02 -19.64 -19.01
N GLN A 26 10.97 -20.43 -19.23
CA GLN A 26 11.13 -21.87 -19.40
C GLN A 26 11.01 -22.24 -20.87
N ASP A 27 12.14 -22.19 -21.58
CA ASP A 27 12.13 -22.43 -23.02
C ASP A 27 11.69 -23.85 -23.36
N ASP A 28 12.00 -24.80 -22.48
CA ASP A 28 11.62 -26.18 -22.70
C ASP A 28 10.10 -26.33 -22.59
N GLU A 29 9.53 -25.80 -21.50
CA GLU A 29 8.09 -25.89 -21.30
C GLU A 29 7.35 -25.22 -22.45
N CYS A 30 7.85 -24.09 -22.90
CA CYS A 30 7.25 -23.38 -24.02
C CYS A 30 7.26 -24.26 -25.27
N ARG A 31 8.38 -24.92 -25.50
CA ARG A 31 8.52 -25.83 -26.63
C ARG A 31 7.47 -26.94 -26.56
N ILE A 32 7.30 -27.50 -25.37
CA ILE A 32 6.38 -28.60 -25.16
C ILE A 32 4.92 -28.14 -25.31
N LEU A 33 4.61 -26.98 -24.74
CA LEU A 33 3.26 -26.44 -24.80
C LEU A 33 2.87 -26.11 -26.24
N MET A 34 3.78 -25.52 -26.99
CA MET A 34 3.52 -25.20 -28.39
CA MET A 34 3.52 -25.20 -28.40
C MET A 34 3.32 -26.48 -29.20
N ALA A 35 4.03 -27.53 -28.82
CA ALA A 35 3.90 -28.83 -29.47
C ALA A 35 2.55 -29.46 -29.15
N ASN A 36 1.90 -28.98 -28.09
CA ASN A 36 0.59 -29.49 -27.71
C ASN A 36 -0.54 -28.55 -28.14
N GLY A 37 -0.25 -27.65 -29.06
CA GLY A 37 -1.27 -26.82 -29.68
C GLY A 37 -1.50 -25.48 -29.01
N ALA A 38 -0.59 -25.09 -28.11
CA ALA A 38 -0.71 -23.81 -27.44
C ALA A 38 -0.68 -22.67 -28.45
N ASP A 39 -1.56 -21.70 -28.27
CA ASP A 39 -1.66 -20.57 -29.18
C ASP A 39 -0.54 -19.57 -28.92
N VAL A 40 0.30 -19.34 -29.92
CA VAL A 40 1.44 -18.43 -29.80
C VAL A 40 0.98 -17.00 -29.54
N ASN A 41 -0.18 -16.64 -30.08
CA ASN A 41 -0.70 -15.28 -29.93
C ASN A 41 -1.79 -15.22 -28.87
N ALA A 42 -1.68 -16.10 -27.87
CA ALA A 42 -2.62 -16.08 -26.75
C ALA A 42 -2.48 -14.76 -26.00
N ALA A 43 -3.57 -14.32 -25.37
CA ALA A 43 -3.56 -13.06 -24.65
C ALA A 43 -4.51 -13.11 -23.45
N ASP A 44 -4.07 -12.62 -22.31
CA ASP A 44 -4.93 -12.55 -21.13
C ASP A 44 -5.81 -11.31 -21.22
N ASN A 45 -6.61 -11.07 -20.18
CA ASN A 45 -7.57 -9.98 -20.19
C ASN A 45 -6.93 -8.60 -20.38
N THR A 46 -5.65 -8.47 -20.04
CA THR A 46 -4.96 -7.19 -20.15
C THR A 46 -4.17 -7.07 -21.45
N GLY A 47 -4.36 -8.03 -22.35
CA GLY A 47 -3.69 -8.00 -23.65
C GLY A 47 -2.25 -8.47 -23.61
N THR A 48 -1.84 -9.06 -22.50
CA THR A 48 -0.48 -9.57 -22.37
C THR A 48 -0.33 -10.88 -23.12
N THR A 49 0.66 -10.96 -24.00
CA THR A 49 0.89 -12.13 -24.82
C THR A 49 2.21 -12.79 -24.42
N PRO A 50 2.41 -14.05 -24.85
CA PRO A 50 3.66 -14.74 -24.52
C PRO A 50 4.90 -13.94 -24.91
N LEU A 51 4.83 -13.24 -26.05
CA LEU A 51 5.96 -12.47 -26.53
C LEU A 51 6.27 -11.29 -25.60
N HIS A 52 5.24 -10.77 -24.93
CA HIS A 52 5.44 -9.71 -23.94
C HIS A 52 6.24 -10.25 -22.77
N LEU A 53 5.78 -11.36 -22.22
CA LEU A 53 6.38 -11.95 -21.03
C LEU A 53 7.75 -12.53 -21.34
N ALA A 54 7.93 -12.99 -22.59
CA ALA A 54 9.21 -13.52 -23.03
C ALA A 54 10.25 -12.38 -23.10
N ALA A 55 9.84 -11.26 -23.69
CA ALA A 55 10.69 -10.09 -23.80
C ALA A 55 11.02 -9.52 -22.42
N TYR A 56 10.14 -9.81 -21.46
CA TYR A 56 10.33 -9.38 -20.07
C TYR A 56 11.23 -10.35 -19.32
N SER A 57 11.15 -11.62 -19.66
CA SER A 57 11.93 -12.66 -18.98
C SER A 57 13.41 -12.56 -19.33
N GLY A 58 13.72 -11.96 -20.47
CA GLY A 58 15.09 -11.80 -20.90
C GLY A 58 15.67 -13.05 -21.54
N HIS A 59 14.79 -14.00 -21.85
CA HIS A 59 15.21 -15.25 -22.47
C HIS A 59 15.12 -15.13 -23.98
N LEU A 60 16.26 -15.26 -24.65
CA LEU A 60 16.35 -15.05 -26.09
C LEU A 60 15.72 -16.18 -26.91
N GLU A 61 16.07 -17.42 -26.57
CA GLU A 61 15.58 -18.58 -27.29
C GLU A 61 14.06 -18.58 -27.39
N ILE A 62 13.37 -18.31 -26.29
CA ILE A 62 11.91 -18.30 -26.27
CA ILE A 62 11.91 -18.30 -26.27
C ILE A 62 11.35 -17.22 -27.20
N VAL A 63 11.96 -16.06 -27.20
CA VAL A 63 11.51 -14.98 -28.06
C VAL A 63 11.64 -15.41 -29.52
N GLU A 64 12.82 -15.93 -29.88
CA GLU A 64 13.04 -16.42 -31.23
C GLU A 64 12.05 -17.52 -31.58
N CYS A 65 11.70 -18.33 -30.59
CA CYS A 65 10.77 -19.43 -30.81
C CYS A 65 9.36 -18.92 -31.07
N LEU A 66 8.93 -17.96 -30.26
CA LEU A 66 7.60 -17.38 -30.41
C LEU A 66 7.47 -16.71 -31.77
N LEU A 67 8.48 -15.94 -32.14
CA LEU A 67 8.48 -15.24 -33.43
C LEU A 67 8.35 -16.23 -34.59
N LYS A 68 9.06 -17.34 -34.51
CA LYS A 68 9.07 -18.32 -35.60
C LYS A 68 7.70 -18.99 -35.74
N HIS A 69 6.95 -19.05 -34.63
CA HIS A 69 5.62 -19.66 -34.64
C HIS A 69 4.53 -18.66 -35.01
N GLY A 70 4.91 -17.43 -35.29
CA GLY A 70 3.98 -16.42 -35.76
C GLY A 70 3.51 -15.45 -34.69
N ALA A 71 4.34 -15.22 -33.68
CA ALA A 71 4.03 -14.26 -32.64
C ALA A 71 4.03 -12.85 -33.22
N ASP A 72 2.98 -12.08 -32.94
CA ASP A 72 2.90 -10.70 -33.42
C ASP A 72 3.84 -9.80 -32.65
N VAL A 73 4.77 -9.20 -33.38
CA VAL A 73 5.83 -8.40 -32.77
C VAL A 73 5.30 -7.08 -32.20
N ASP A 74 4.20 -6.58 -32.76
CA ASP A 74 3.66 -5.28 -32.36
C ASP A 74 2.37 -5.38 -31.55
N ALA A 75 2.17 -6.52 -30.88
CA ALA A 75 1.02 -6.69 -30.01
C ALA A 75 1.09 -5.68 -28.86
N SER A 76 -0.02 -5.00 -28.61
CA SER A 76 -0.10 -4.01 -27.53
C SER A 76 -0.94 -4.54 -26.40
N ASP A 77 -0.49 -4.34 -25.16
CA ASP A 77 -1.30 -4.69 -24.00
C ASP A 77 -2.18 -3.50 -23.64
N VAL A 78 -2.90 -3.60 -22.53
CA VAL A 78 -3.87 -2.58 -22.15
C VAL A 78 -3.19 -1.23 -21.90
N PHE A 79 -1.91 -1.26 -21.51
CA PHE A 79 -1.18 -0.03 -21.22
C PHE A 79 -0.51 0.56 -22.46
N GLY A 80 -0.66 -0.11 -23.60
CA GLY A 80 -0.06 0.35 -24.84
C GLY A 80 1.37 -0.16 -25.00
N TYR A 81 1.75 -1.11 -24.15
CA TYR A 81 3.09 -1.70 -24.19
C TYR A 81 3.21 -2.79 -25.24
N THR A 82 4.23 -2.69 -26.08
CA THR A 82 4.60 -3.78 -26.97
C THR A 82 5.73 -4.58 -26.32
N PRO A 83 6.06 -5.74 -26.90
CA PRO A 83 7.21 -6.48 -26.38
C PRO A 83 8.49 -5.64 -26.39
N LEU A 84 8.60 -4.76 -27.38
CA LEU A 84 9.79 -3.92 -27.51
C LEU A 84 9.92 -2.97 -26.32
N HIS A 85 8.80 -2.46 -25.82
CA HIS A 85 8.81 -1.60 -24.64
C HIS A 85 9.43 -2.33 -23.45
N LEU A 86 8.99 -3.55 -23.22
CA LEU A 86 9.47 -4.34 -22.09
C LEU A 86 10.93 -4.71 -22.27
N ALA A 87 11.31 -5.08 -23.48
CA ALA A 87 12.69 -5.46 -23.77
C ALA A 87 13.64 -4.30 -23.47
N ALA A 88 13.26 -3.10 -23.90
CA ALA A 88 14.08 -1.92 -23.67
C ALA A 88 14.14 -1.59 -22.18
N TYR A 89 12.97 -1.53 -21.55
CA TYR A 89 12.89 -1.19 -20.13
C TYR A 89 13.71 -2.14 -19.26
N TRP A 90 13.74 -3.41 -19.65
CA TRP A 90 14.43 -4.43 -18.86
C TRP A 90 15.86 -4.67 -19.34
N GLY A 91 16.32 -3.84 -20.26
CA GLY A 91 17.72 -3.83 -20.66
C GLY A 91 18.19 -5.06 -21.42
N HIS A 92 17.26 -5.73 -22.10
CA HIS A 92 17.61 -6.93 -22.86
C HIS A 92 17.99 -6.55 -24.29
N LEU A 93 19.25 -6.19 -24.48
CA LEU A 93 19.72 -5.72 -25.78
C LEU A 93 19.46 -6.72 -26.90
N GLU A 94 19.90 -7.96 -26.71
CA GLU A 94 19.73 -8.99 -27.73
C GLU A 94 18.26 -9.12 -28.15
N ILE A 95 17.36 -9.02 -27.19
CA ILE A 95 15.94 -9.16 -27.47
C ILE A 95 15.45 -7.98 -28.30
N VAL A 96 15.84 -6.77 -27.89
CA VAL A 96 15.50 -5.56 -28.63
C VAL A 96 15.88 -5.70 -30.10
N GLU A 97 17.06 -6.25 -30.35
CA GLU A 97 17.56 -6.39 -31.71
C GLU A 97 16.74 -7.39 -32.51
N VAL A 98 16.32 -8.48 -31.88
CA VAL A 98 15.51 -9.50 -32.55
C VAL A 98 14.11 -8.95 -32.87
N LEU A 99 13.51 -8.27 -31.91
CA LEU A 99 12.19 -7.69 -32.12
C LEU A 99 12.20 -6.72 -33.28
N LEU A 100 13.23 -5.85 -33.33
CA LEU A 100 13.38 -4.90 -34.42
C LEU A 100 13.65 -5.61 -35.74
N LYS A 101 14.45 -6.67 -35.67
CA LYS A 101 14.78 -7.46 -36.85
C LYS A 101 13.52 -8.08 -37.44
N ASN A 102 12.55 -8.36 -36.58
CA ASN A 102 11.29 -8.97 -37.00
C ASN A 102 10.17 -7.95 -37.25
N GLY A 103 10.57 -6.70 -37.48
CA GLY A 103 9.61 -5.67 -37.86
C GLY A 103 8.87 -5.02 -36.70
N ALA A 104 9.55 -4.87 -35.57
CA ALA A 104 8.98 -4.17 -34.43
C ALA A 104 8.90 -2.68 -34.71
N ASP A 105 7.78 -2.06 -34.36
CA ASP A 105 7.64 -0.61 -34.45
C ASP A 105 8.56 0.03 -33.42
N VAL A 106 9.60 0.70 -33.90
CA VAL A 106 10.60 1.29 -33.02
C VAL A 106 10.05 2.50 -32.26
N ASN A 107 9.03 3.14 -32.83
CA ASN A 107 8.44 4.33 -32.24
C ASN A 107 7.10 4.04 -31.56
N ALA A 108 6.87 2.78 -31.25
CA ALA A 108 5.64 2.38 -30.58
C ALA A 108 5.44 3.22 -29.33
N MET A 109 4.23 3.75 -29.16
CA MET A 109 3.92 4.66 -28.07
C MET A 109 2.88 4.06 -27.14
N ASP A 110 3.15 4.14 -25.83
CA ASP A 110 2.24 3.57 -24.85
C ASP A 110 1.18 4.59 -24.42
N SER A 111 0.35 4.20 -23.46
CA SER A 111 -0.77 5.03 -23.02
C SER A 111 -0.33 6.42 -22.57
N ASP A 112 0.88 6.51 -22.01
CA ASP A 112 1.38 7.77 -21.47
C ASP A 112 2.42 8.41 -22.40
N GLY A 113 2.40 8.02 -23.66
CA GLY A 113 3.27 8.63 -24.65
C GLY A 113 4.70 8.14 -24.60
N MET A 114 4.98 7.18 -23.74
CA MET A 114 6.32 6.61 -23.62
C MET A 114 6.64 5.70 -24.80
N THR A 115 7.87 5.78 -25.29
CA THR A 115 8.36 4.94 -26.37
C THR A 115 9.58 4.17 -25.87
N PRO A 116 10.02 3.16 -26.63
CA PRO A 116 11.19 2.38 -26.20
C PRO A 116 12.42 3.24 -25.95
N LEU A 117 12.60 4.28 -26.76
CA LEU A 117 13.73 5.19 -26.58
C LEU A 117 13.66 5.88 -25.23
N HIS A 118 12.48 6.39 -24.88
CA HIS A 118 12.26 7.00 -23.58
C HIS A 118 12.72 6.04 -22.48
N LEU A 119 12.27 4.80 -22.56
CA LEU A 119 12.54 3.80 -21.54
C LEU A 119 14.03 3.47 -21.46
N ALA A 120 14.65 3.25 -22.62
CA ALA A 120 16.06 2.93 -22.67
C ALA A 120 16.89 4.11 -22.16
N ALA A 121 16.46 5.32 -22.50
CA ALA A 121 17.17 6.52 -22.10
C ALA A 121 17.05 6.76 -20.61
N LYS A 122 15.92 6.34 -20.04
CA LYS A 122 15.63 6.59 -18.63
C LYS A 122 16.55 5.78 -17.71
N TRP A 123 16.82 4.53 -18.10
CA TRP A 123 17.52 3.60 -17.22
C TRP A 123 18.97 3.33 -17.63
N GLY A 124 19.53 4.19 -18.47
CA GLY A 124 20.95 4.17 -18.75
C GLY A 124 21.41 3.05 -19.68
N TYR A 125 20.49 2.53 -20.50
CA TYR A 125 20.83 1.46 -21.43
C TYR A 125 21.41 2.04 -22.72
N LEU A 126 22.64 2.53 -22.63
CA LEU A 126 23.31 3.18 -23.75
C LEU A 126 23.25 2.36 -25.04
N GLU A 127 23.71 1.12 -24.98
CA GLU A 127 23.80 0.29 -26.17
C GLU A 127 22.43 0.03 -26.79
N ILE A 128 21.40 0.03 -25.96
CA ILE A 128 20.03 -0.14 -26.44
C ILE A 128 19.52 1.15 -27.09
N VAL A 129 19.94 2.29 -26.53
CA VAL A 129 19.62 3.58 -27.13
C VAL A 129 20.21 3.69 -28.53
N GLU A 130 21.41 3.15 -28.71
CA GLU A 130 22.09 3.20 -30.00
C GLU A 130 21.32 2.40 -31.06
N VAL A 131 21.05 1.14 -30.76
CA VAL A 131 20.37 0.26 -31.71
C VAL A 131 18.98 0.82 -32.06
N LEU A 132 18.32 1.42 -31.07
CA LEU A 132 17.00 2.02 -31.30
C LEU A 132 17.10 3.21 -32.25
N LEU A 133 18.08 4.06 -32.03
CA LEU A 133 18.32 5.21 -32.90
C LEU A 133 18.69 4.74 -34.30
N LYS A 134 19.41 3.62 -34.35
CA LYS A 134 19.85 3.04 -35.63
C LYS A 134 18.64 2.69 -36.48
N HIS A 135 17.56 2.26 -35.83
CA HIS A 135 16.35 1.84 -36.52
C HIS A 135 15.32 2.96 -36.63
N GLY A 136 15.77 4.20 -36.40
CA GLY A 136 14.94 5.36 -36.65
C GLY A 136 14.09 5.81 -35.49
N ALA A 137 14.51 5.47 -34.27
CA ALA A 137 13.80 5.91 -33.07
C ALA A 137 13.68 7.43 -33.06
N ASP A 138 12.47 7.94 -32.80
CA ASP A 138 12.22 9.37 -32.82
C ASP A 138 12.73 10.06 -31.57
N VAL A 139 13.73 10.91 -31.73
CA VAL A 139 14.35 11.58 -30.59
C VAL A 139 13.56 12.79 -30.12
N ASN A 140 12.71 13.33 -30.99
CA ASN A 140 11.90 14.50 -30.64
C ASN A 140 10.50 14.12 -30.19
N ALA A 141 10.30 12.84 -29.89
CA ALA A 141 8.99 12.35 -29.46
C ALA A 141 8.71 12.74 -28.01
N GLN A 142 7.70 13.58 -27.81
CA GLN A 142 7.31 14.01 -26.47
C GLN A 142 6.25 13.07 -25.89
N ASP A 143 6.39 12.78 -24.60
CA ASP A 143 5.40 11.96 -23.91
C ASP A 143 4.29 12.86 -23.36
N LYS A 144 3.44 12.31 -22.51
CA LYS A 144 2.30 13.06 -21.97
C LYS A 144 2.75 14.24 -21.12
N PHE A 145 3.98 14.20 -20.63
CA PHE A 145 4.52 15.27 -19.81
C PHE A 145 5.38 16.22 -20.64
N GLY A 146 5.40 16.03 -21.95
CA GLY A 146 6.16 16.88 -22.83
C GLY A 146 7.66 16.59 -22.79
N LYS A 147 8.03 15.49 -22.13
CA LYS A 147 9.43 15.11 -22.00
C LYS A 147 9.90 14.24 -23.16
N THR A 148 11.04 14.60 -23.74
CA THR A 148 11.66 13.81 -24.78
C THR A 148 12.61 12.79 -24.16
N PRO A 149 13.01 11.77 -24.93
CA PRO A 149 13.97 10.79 -24.42
C PRO A 149 15.25 11.47 -23.92
N PHE A 150 15.59 12.60 -24.53
CA PHE A 150 16.74 13.39 -24.08
C PHE A 150 16.48 13.97 -22.71
N ASP A 151 15.27 14.50 -22.50
CA ASP A 151 14.89 15.09 -21.22
C ASP A 151 14.92 14.04 -20.12
N LEU A 152 14.53 12.82 -20.45
CA LEU A 152 14.55 11.72 -19.47
C LEU A 152 15.98 11.32 -19.14
N ALA A 153 16.87 11.38 -20.12
CA ALA A 153 18.28 11.05 -19.90
C ALA A 153 18.90 12.06 -18.95
N ILE A 154 18.51 13.32 -19.08
CA ILE A 154 19.01 14.38 -18.22
C ILE A 154 18.45 14.23 -16.82
N ASP A 155 17.14 14.04 -16.72
CA ASP A 155 16.46 13.98 -15.42
C ASP A 155 16.93 12.80 -14.57
N ASN A 156 17.44 11.76 -15.21
CA ASN A 156 17.91 10.57 -14.49
C ASN A 156 19.43 10.47 -14.45
N GLY A 157 20.11 11.58 -14.69
CA GLY A 157 21.56 11.66 -14.56
C GLY A 157 22.32 10.71 -15.46
N ASN A 158 21.72 10.33 -16.58
CA ASN A 158 22.41 9.47 -17.55
C ASN A 158 23.23 10.31 -18.51
N GLU A 159 24.52 10.45 -18.18
CA GLU A 159 25.41 11.40 -18.87
C GLU A 159 25.65 11.09 -20.36
N ASP A 160 26.16 9.90 -20.64
CA ASP A 160 26.60 9.58 -22.00
C ASP A 160 25.44 9.48 -22.97
N ILE A 161 24.27 9.12 -22.46
CA ILE A 161 23.09 8.93 -23.29
C ILE A 161 22.44 10.27 -23.64
N ALA A 162 22.52 11.23 -22.74
CA ALA A 162 21.98 12.57 -22.99
C ALA A 162 22.77 13.24 -24.12
N GLU A 163 24.05 12.91 -24.22
CA GLU A 163 24.91 13.52 -25.23
C GLU A 163 24.64 12.94 -26.61
N VAL A 164 24.49 11.62 -26.68
CA VAL A 164 24.23 10.96 -27.95
C VAL A 164 22.89 11.41 -28.52
N LEU A 165 21.88 11.50 -27.66
CA LEU A 165 20.55 11.94 -28.09
C LEU A 165 20.58 13.40 -28.55
N GLN A 166 21.46 14.19 -27.94
CA GLN A 166 21.61 15.59 -28.33
C GLN A 166 22.21 15.68 -29.73
N LYS A 167 23.33 15.00 -29.94
CA LYS A 167 23.98 14.97 -31.25
C LYS A 167 22.99 14.54 -32.32
N ALA A 168 22.24 13.48 -32.03
CA ALA A 168 21.26 12.95 -32.98
C ALA A 168 20.22 14.01 -33.33
N ALA A 169 19.76 14.76 -32.34
CA ALA A 169 18.77 15.80 -32.56
C ALA A 169 19.32 16.87 -33.51
N LYS A 170 20.57 17.27 -33.28
CA LYS A 170 21.21 18.29 -34.11
C LYS A 170 21.73 17.68 -35.40
N LEU B 22 -19.27 -0.02 36.87
CA LEU B 22 -18.60 0.18 35.59
C LEU B 22 -18.74 -1.04 34.68
N VAL B 23 -19.35 -0.82 33.51
CA VAL B 23 -19.45 -1.86 32.50
C VAL B 23 -18.65 -1.43 31.27
N ILE B 24 -17.81 -2.33 30.78
CA ILE B 24 -16.93 -2.01 29.66
C ILE B 24 -17.06 -3.02 28.53
N TRP B 25 -17.07 -2.53 27.30
CA TRP B 25 -17.09 -3.39 26.12
C TRP B 25 -15.79 -3.27 25.34
N ILE B 26 -15.15 -4.41 25.09
CA ILE B 26 -13.92 -4.44 24.30
C ILE B 26 -13.91 -5.71 23.47
N ASN B 27 -13.36 -5.62 22.25
CA ASN B 27 -13.37 -6.74 21.33
C ASN B 27 -12.68 -7.96 21.93
N GLY B 28 -13.12 -9.15 21.51
CA GLY B 28 -12.61 -10.39 22.03
C GLY B 28 -11.18 -10.69 21.61
N ASP B 29 -10.70 -10.01 20.57
CA ASP B 29 -9.34 -10.22 20.09
C ASP B 29 -8.33 -9.33 20.82
N LYS B 30 -8.84 -8.49 21.72
CA LYS B 30 -7.98 -7.68 22.58
C LYS B 30 -7.82 -8.39 23.92
N GLY B 31 -6.83 -7.96 24.71
CA GLY B 31 -6.56 -8.57 25.99
C GLY B 31 -7.54 -8.13 27.05
N TYR B 32 -8.77 -8.63 26.99
CA TYR B 32 -9.82 -8.22 27.91
C TYR B 32 -9.61 -8.76 29.31
N ASN B 33 -8.93 -9.91 29.42
CA ASN B 33 -8.59 -10.47 30.72
C ASN B 33 -7.67 -9.53 31.49
N GLY B 34 -6.71 -8.95 30.79
CA GLY B 34 -5.78 -8.00 31.37
C GLY B 34 -6.48 -6.72 31.80
N LEU B 35 -7.39 -6.23 30.95
CA LEU B 35 -8.17 -5.05 31.27
C LEU B 35 -9.06 -5.32 32.48
N ALA B 36 -9.45 -6.58 32.64
CA ALA B 36 -10.29 -6.98 33.76
C ALA B 36 -9.48 -7.02 35.06
N GLU B 37 -8.19 -7.30 34.95
CA GLU B 37 -7.30 -7.27 36.10
C GLU B 37 -7.18 -5.84 36.60
N VAL B 38 -7.11 -4.89 35.68
CA VAL B 38 -7.12 -3.48 36.04
C VAL B 38 -8.46 -3.14 36.68
N GLY B 39 -9.50 -3.84 36.25
CA GLY B 39 -10.82 -3.71 36.85
C GLY B 39 -10.81 -4.18 38.30
N LYS B 40 -10.25 -5.36 38.53
CA LYS B 40 -10.13 -5.89 39.89
C LYS B 40 -9.41 -4.90 40.78
N LYS B 41 -8.35 -4.29 40.23
CA LYS B 41 -7.56 -3.31 40.97
C LYS B 41 -8.46 -2.14 41.40
N PHE B 42 -9.11 -1.52 40.42
CA PHE B 42 -9.99 -0.39 40.67
C PHE B 42 -10.97 -0.71 41.80
N GLU B 43 -11.70 -1.81 41.66
CA GLU B 43 -12.66 -2.23 42.68
C GLU B 43 -12.00 -2.28 44.06
N LYS B 44 -10.85 -2.95 44.14
CA LYS B 44 -10.13 -3.09 45.40
C LYS B 44 -9.46 -1.78 45.82
N ASP B 45 -9.42 -0.83 44.89
CA ASP B 45 -8.83 0.49 45.17
C ASP B 45 -9.87 1.61 45.12
N THR B 46 -11.14 1.24 45.15
CA THR B 46 -12.22 2.23 45.09
C THR B 46 -13.53 1.65 45.63
N GLY B 47 -13.88 0.44 45.19
CA GLY B 47 -15.07 -0.23 45.65
C GLY B 47 -16.03 -0.56 44.51
N ILE B 48 -16.17 0.38 43.59
CA ILE B 48 -17.03 0.19 42.43
C ILE B 48 -16.61 -1.04 41.62
N LYS B 49 -17.54 -1.94 41.38
CA LYS B 49 -17.26 -3.16 40.62
C LYS B 49 -17.01 -2.83 39.15
N VAL B 50 -16.16 -3.63 38.51
CA VAL B 50 -15.83 -3.42 37.10
C VAL B 50 -15.99 -4.72 36.31
N THR B 51 -16.95 -4.70 35.37
CA THR B 51 -17.20 -5.86 34.53
C THR B 51 -16.73 -5.59 33.11
N VAL B 52 -15.89 -6.47 32.58
CA VAL B 52 -15.35 -6.32 31.23
C VAL B 52 -15.91 -7.38 30.30
N GLU B 53 -16.78 -6.96 29.39
CA GLU B 53 -17.43 -7.87 28.45
C GLU B 53 -16.84 -7.69 27.05
N HIS B 54 -17.04 -8.70 26.21
CA HIS B 54 -16.58 -8.64 24.83
C HIS B 54 -17.62 -9.29 23.91
N PRO B 55 -18.82 -8.71 23.86
CA PRO B 55 -19.94 -9.24 23.07
C PRO B 55 -19.62 -9.32 21.58
N ASP B 56 -20.25 -10.25 20.89
CA ASP B 56 -20.05 -10.43 19.47
C ASP B 56 -20.59 -9.24 18.69
N LYS B 57 -19.74 -8.63 17.87
CA LYS B 57 -20.14 -7.51 17.02
C LYS B 57 -20.60 -6.34 17.88
N LEU B 58 -19.72 -5.87 18.76
CA LEU B 58 -20.06 -4.83 19.71
C LEU B 58 -20.09 -3.44 19.06
N GLU B 59 -19.34 -3.28 17.98
CA GLU B 59 -19.27 -1.99 17.29
C GLU B 59 -20.61 -1.66 16.62
N GLU B 60 -21.40 -2.69 16.34
CA GLU B 60 -22.72 -2.49 15.76
C GLU B 60 -23.79 -2.52 16.85
N LYS B 61 -23.52 -3.24 17.93
CA LYS B 61 -24.45 -3.35 19.03
C LYS B 61 -24.52 -2.05 19.83
N PHE B 62 -23.38 -1.39 19.97
CA PHE B 62 -23.30 -0.16 20.77
C PHE B 62 -24.23 0.94 20.26
N PRO B 63 -24.19 1.25 18.96
CA PRO B 63 -25.04 2.32 18.43
C PRO B 63 -26.54 2.02 18.53
N GLN B 64 -26.90 0.75 18.57
CA GLN B 64 -28.30 0.36 18.71
C GLN B 64 -28.74 0.45 20.17
N VAL B 65 -27.90 -0.07 21.06
CA VAL B 65 -28.23 -0.12 22.48
C VAL B 65 -28.04 1.25 23.14
N ALA B 66 -27.14 2.05 22.59
CA ALA B 66 -26.86 3.37 23.14
C ALA B 66 -27.91 4.39 22.72
N ALA B 67 -28.63 4.09 21.65
CA ALA B 67 -29.69 4.98 21.18
C ALA B 67 -30.92 4.88 22.08
N THR B 68 -30.98 3.80 22.86
CA THR B 68 -32.08 3.60 23.80
C THR B 68 -31.68 4.06 25.20
N GLY B 69 -30.48 4.64 25.31
CA GLY B 69 -29.98 5.12 26.57
C GLY B 69 -29.40 3.99 27.42
N ASP B 70 -29.05 2.89 26.77
CA ASP B 70 -28.47 1.74 27.45
C ASP B 70 -27.03 1.53 26.97
N GLY B 71 -26.52 0.32 27.13
CA GLY B 71 -25.17 -0.01 26.71
C GLY B 71 -24.18 0.07 27.86
N PRO B 72 -22.88 -0.05 27.55
CA PRO B 72 -21.82 0.01 28.56
C PRO B 72 -21.46 1.44 28.96
N ASP B 73 -20.68 1.58 30.03
CA ASP B 73 -20.19 2.88 30.45
C ASP B 73 -19.00 3.30 29.62
N ILE B 74 -18.18 2.32 29.24
CA ILE B 74 -17.02 2.57 28.40
C ILE B 74 -17.00 1.59 27.23
N ILE B 75 -16.63 2.08 26.05
CA ILE B 75 -16.50 1.22 24.88
C ILE B 75 -15.12 1.36 24.26
N PHE B 76 -14.46 0.22 24.08
CA PHE B 76 -13.16 0.18 23.42
C PHE B 76 -13.33 -0.25 21.97
N TRP B 77 -12.84 0.58 21.05
CA TRP B 77 -12.90 0.24 19.64
C TRP B 77 -12.04 1.21 18.82
N ALA B 78 -11.72 0.82 17.60
CA ALA B 78 -10.97 1.67 16.69
C ALA B 78 -11.65 3.03 16.57
N HIS B 79 -10.85 4.09 16.67
CA HIS B 79 -11.36 5.46 16.69
C HIS B 79 -12.27 5.76 15.49
N ASP B 80 -11.97 5.17 14.34
CA ASP B 80 -12.66 5.51 13.10
C ASP B 80 -14.16 5.33 13.24
N ARG B 81 -14.56 4.52 14.21
CA ARG B 81 -15.97 4.22 14.41
C ARG B 81 -16.66 5.28 15.28
N PHE B 82 -15.88 5.96 16.11
CA PHE B 82 -16.45 6.88 17.10
C PHE B 82 -17.03 8.15 16.52
N GLY B 83 -16.54 8.58 15.36
CA GLY B 83 -17.07 9.78 14.73
C GLY B 83 -18.54 9.60 14.40
N GLY B 84 -18.91 8.39 13.99
CA GLY B 84 -20.30 8.06 13.75
C GLY B 84 -21.08 8.07 15.06
N TYR B 85 -20.45 7.58 16.12
CA TYR B 85 -21.08 7.55 17.43
C TYR B 85 -21.35 8.97 17.93
N ALA B 86 -20.33 9.82 17.87
CA ALA B 86 -20.42 11.19 18.34
C ALA B 86 -21.52 11.96 17.60
N GLN B 87 -21.61 11.73 16.30
CA GLN B 87 -22.60 12.41 15.48
C GLN B 87 -24.02 12.12 15.96
N SER B 88 -24.21 10.97 16.60
CA SER B 88 -25.51 10.59 17.14
C SER B 88 -25.59 10.87 18.64
N GLY B 89 -24.65 11.66 19.15
CA GLY B 89 -24.62 12.01 20.56
C GLY B 89 -24.53 10.82 21.48
N LEU B 90 -23.86 9.76 21.02
CA LEU B 90 -23.72 8.55 21.82
C LEU B 90 -22.53 8.63 22.78
N LEU B 91 -21.63 9.58 22.53
CA LEU B 91 -20.41 9.69 23.32
C LEU B 91 -20.36 10.99 24.10
N ALA B 92 -20.01 10.88 25.38
CA ALA B 92 -19.81 12.05 26.23
C ALA B 92 -18.45 12.67 25.91
N GLU B 93 -18.40 14.00 25.87
CA GLU B 93 -17.13 14.69 25.66
C GLU B 93 -16.23 14.48 26.86
N ILE B 94 -15.02 14.00 26.61
CA ILE B 94 -14.05 13.81 27.68
C ILE B 94 -13.31 15.12 27.94
N THR B 95 -12.83 15.31 29.17
CA THR B 95 -12.18 16.56 29.55
C THR B 95 -10.82 16.29 30.19
N PRO B 96 -9.86 15.82 29.40
CA PRO B 96 -8.50 15.59 29.89
C PRO B 96 -7.79 16.92 30.17
N ASP B 97 -7.33 17.09 31.40
CA ASP B 97 -6.56 18.27 31.78
C ASP B 97 -5.37 18.46 30.85
N LYS B 98 -4.76 19.65 30.92
CA LYS B 98 -3.62 19.98 30.06
C LYS B 98 -2.46 19.02 30.30
N ALA B 99 -2.24 18.65 31.57
CA ALA B 99 -1.12 17.80 31.94
C ALA B 99 -1.26 16.40 31.36
N PHE B 100 -2.49 15.91 31.29
CA PHE B 100 -2.73 14.56 30.78
C PHE B 100 -2.50 14.48 29.28
N GLN B 101 -2.96 15.52 28.57
CA GLN B 101 -2.81 15.58 27.12
C GLN B 101 -1.37 15.28 26.71
N ASP B 102 -0.42 15.81 27.48
CA ASP B 102 0.99 15.70 27.14
C ASP B 102 1.55 14.31 27.42
N LYS B 103 0.87 13.54 28.27
CA LYS B 103 1.29 12.17 28.54
C LYS B 103 1.15 11.30 27.30
N LEU B 104 0.28 11.70 26.38
CA LEU B 104 0.05 10.94 25.15
C LEU B 104 0.59 11.70 23.94
N TYR B 105 0.94 10.97 22.89
CA TYR B 105 1.46 11.58 21.68
C TYR B 105 0.43 12.52 21.05
N PRO B 106 0.85 13.73 20.67
CA PRO B 106 -0.05 14.77 20.14
C PRO B 106 -1.03 14.25 19.07
N PHE B 107 -0.53 13.47 18.12
CA PHE B 107 -1.34 13.05 16.98
C PHE B 107 -2.47 12.10 17.38
N THR B 108 -2.28 11.39 18.48
CA THR B 108 -3.30 10.43 18.93
C THR B 108 -4.57 11.15 19.37
N TRP B 109 -4.44 12.36 19.88
CA TRP B 109 -5.59 13.15 20.27
C TRP B 109 -6.37 13.61 19.03
N ASP B 110 -5.67 13.79 17.92
CA ASP B 110 -6.30 14.18 16.67
C ASP B 110 -7.20 13.09 16.11
N ALA B 111 -7.11 11.90 16.69
CA ALA B 111 -7.90 10.76 16.23
C ALA B 111 -9.18 10.58 17.05
N VAL B 112 -9.28 11.31 18.16
CA VAL B 112 -10.44 11.19 19.05
C VAL B 112 -11.19 12.51 19.18
N ARG B 113 -11.27 13.25 18.08
CA ARG B 113 -12.01 14.51 18.07
C ARG B 113 -13.14 14.48 17.04
N TYR B 114 -14.31 14.96 17.44
CA TYR B 114 -15.40 15.18 16.51
C TYR B 114 -15.91 16.60 16.71
N ASN B 115 -15.99 17.36 15.63
CA ASN B 115 -16.37 18.77 15.70
C ASN B 115 -15.48 19.55 16.66
N GLY B 116 -14.21 19.15 16.75
CA GLY B 116 -13.25 19.87 17.57
C GLY B 116 -13.24 19.45 19.02
N LYS B 117 -14.18 18.60 19.41
CA LYS B 117 -14.30 18.15 20.79
C LYS B 117 -13.85 16.70 20.96
N LEU B 118 -13.15 16.43 22.06
CA LEU B 118 -12.63 15.10 22.33
C LEU B 118 -13.73 14.17 22.84
N ILE B 119 -13.87 13.00 22.22
CA ILE B 119 -14.93 12.06 22.59
C ILE B 119 -14.40 10.68 22.94
N ALA B 120 -13.09 10.57 23.17
CA ALA B 120 -12.49 9.28 23.49
C ALA B 120 -11.03 9.38 23.91
N TYR B 121 -10.57 8.39 24.66
CA TYR B 121 -9.17 8.32 25.08
C TYR B 121 -8.39 7.38 24.18
N PRO B 122 -7.30 7.87 23.57
CA PRO B 122 -6.43 7.00 22.78
C PRO B 122 -5.72 5.97 23.65
N ILE B 123 -5.68 4.71 23.19
CA ILE B 123 -5.04 3.65 23.97
C ILE B 123 -3.86 3.04 23.20
N ALA B 124 -4.13 2.52 22.02
CA ALA B 124 -3.08 1.90 21.21
C ALA B 124 -3.10 2.45 19.79
N VAL B 125 -1.99 2.25 19.07
CA VAL B 125 -1.80 2.81 17.74
C VAL B 125 -1.31 1.72 16.80
N GLU B 126 -1.88 1.65 15.61
CA GLU B 126 -1.43 0.71 14.60
C GLU B 126 -1.33 1.37 13.23
N ALA B 127 -0.38 0.90 12.43
CA ALA B 127 -0.17 1.40 11.09
C ALA B 127 0.69 0.41 10.32
N LEU B 128 0.62 0.48 8.99
CA LEU B 128 1.43 -0.38 8.15
C LEU B 128 2.91 -0.01 8.25
N SER B 129 3.77 -1.00 8.08
CA SER B 129 5.21 -0.77 8.02
C SER B 129 5.79 -1.55 6.86
N LEU B 130 7.02 -1.24 6.50
CA LEU B 130 7.73 -2.01 5.49
C LEU B 130 8.38 -3.22 6.14
N ILE B 131 7.94 -4.42 5.74
CA ILE B 131 8.53 -5.65 6.23
C ILE B 131 9.46 -6.22 5.17
N TYR B 132 10.68 -6.58 5.57
CA TYR B 132 11.68 -7.01 4.61
C TYR B 132 12.46 -8.24 5.06
N ASN B 133 12.96 -8.98 4.09
CA ASN B 133 13.75 -10.17 4.34
C ASN B 133 15.22 -9.77 4.43
N LYS B 134 15.76 -9.83 5.64
CA LYS B 134 17.09 -9.30 5.91
C LYS B 134 18.19 -10.10 5.21
N ASP B 135 17.88 -11.33 4.82
CA ASP B 135 18.85 -12.17 4.11
C ASP B 135 18.91 -11.84 2.63
N LEU B 136 17.75 -11.53 2.05
CA LEU B 136 17.64 -11.18 0.65
C LEU B 136 17.92 -9.70 0.43
N LEU B 137 17.66 -8.90 1.45
CA LEU B 137 17.73 -7.46 1.32
C LEU B 137 18.17 -6.82 2.65
N PRO B 138 19.45 -6.97 2.99
CA PRO B 138 19.96 -6.36 4.23
C PRO B 138 19.81 -4.84 4.23
N ASN B 139 19.78 -4.25 3.04
CA ASN B 139 19.64 -2.80 2.88
C ASN B 139 18.30 -2.45 2.24
N PRO B 140 17.23 -2.39 3.05
CA PRO B 140 15.91 -2.07 2.50
C PRO B 140 15.86 -0.65 1.93
N PRO B 141 15.08 -0.45 0.86
CA PRO B 141 14.99 0.84 0.18
C PRO B 141 14.41 1.92 1.09
N LYS B 142 14.97 3.12 1.03
CA LYS B 142 14.42 4.26 1.77
C LYS B 142 13.50 5.08 0.87
N THR B 143 13.46 4.72 -0.41
CA THR B 143 12.61 5.42 -1.37
C THR B 143 11.88 4.43 -2.26
N TRP B 144 10.69 4.81 -2.71
CA TRP B 144 9.92 4.03 -3.66
C TRP B 144 10.62 4.00 -5.02
N GLU B 145 11.28 5.10 -5.36
CA GLU B 145 11.88 5.27 -6.68
C GLU B 145 12.98 4.24 -7.00
N GLU B 146 13.55 3.63 -5.97
CA GLU B 146 14.67 2.72 -6.17
C GLU B 146 14.23 1.25 -6.16
N ILE B 147 12.94 1.02 -5.99
CA ILE B 147 12.42 -0.34 -5.94
C ILE B 147 12.47 -1.03 -7.32
N PRO B 148 12.16 -0.27 -8.39
CA PRO B 148 12.27 -0.84 -9.73
C PRO B 148 13.68 -1.38 -10.02
N ALA B 149 14.70 -0.63 -9.64
CA ALA B 149 16.08 -1.07 -9.83
C ALA B 149 16.36 -2.28 -8.96
N LEU B 150 15.84 -2.26 -7.74
CA LEU B 150 16.01 -3.37 -6.81
C LEU B 150 15.35 -4.64 -7.34
N ASP B 151 14.16 -4.49 -7.92
CA ASP B 151 13.43 -5.64 -8.44
C ASP B 151 14.16 -6.24 -9.64
N LYS B 152 14.79 -5.39 -10.45
CA LYS B 152 15.57 -5.85 -11.58
C LYS B 152 16.71 -6.76 -11.13
N GLU B 153 17.38 -6.38 -10.05
CA GLU B 153 18.49 -7.17 -9.52
C GLU B 153 18.01 -8.50 -8.96
N LEU B 154 16.88 -8.46 -8.26
CA LEU B 154 16.34 -9.65 -7.59
C LEU B 154 15.71 -10.64 -8.57
N LYS B 155 15.16 -10.12 -9.66
CA LYS B 155 14.51 -10.96 -10.66
C LYS B 155 15.52 -11.88 -11.35
N ALA B 156 16.80 -11.51 -11.27
CA ALA B 156 17.86 -12.36 -11.79
C ALA B 156 18.02 -13.59 -10.91
N LYS B 157 17.75 -13.41 -9.61
CA LYS B 157 17.86 -14.48 -8.64
C LYS B 157 16.56 -15.28 -8.53
N GLY B 158 15.60 -14.97 -9.39
CA GLY B 158 14.33 -15.67 -9.39
C GLY B 158 13.39 -15.18 -8.31
N LYS B 159 13.57 -13.93 -7.88
CA LYS B 159 12.76 -13.37 -6.82
C LYS B 159 12.29 -11.96 -7.17
N SER B 160 11.40 -11.41 -6.36
CA SER B 160 10.87 -10.08 -6.59
C SER B 160 11.19 -9.17 -5.41
N ALA B 161 11.20 -7.86 -5.67
CA ALA B 161 11.53 -6.89 -4.63
C ALA B 161 10.39 -6.72 -3.64
N LEU B 162 9.17 -6.63 -4.15
CA LEU B 162 8.04 -6.20 -3.32
C LEU B 162 6.71 -6.81 -3.74
N MET B 163 6.02 -7.43 -2.78
CA MET B 163 4.67 -7.94 -2.98
C MET B 163 3.79 -7.57 -1.79
N PHE B 164 2.67 -6.93 -2.06
CA PHE B 164 1.70 -6.60 -1.01
C PHE B 164 0.29 -6.46 -1.59
N ASN B 165 -0.71 -6.58 -0.72
CA ASN B 165 -2.11 -6.59 -1.14
C ASN B 165 -2.49 -5.33 -1.94
N LEU B 166 -2.68 -5.51 -3.25
CA LEU B 166 -3.03 -4.40 -4.11
C LEU B 166 -4.55 -4.30 -4.32
N GLN B 167 -5.32 -5.08 -3.56
CA GLN B 167 -6.77 -5.12 -3.73
C GLN B 167 -7.51 -4.11 -2.84
N GLU B 168 -6.87 -3.72 -1.74
CA GLU B 168 -7.52 -2.84 -0.76
C GLU B 168 -6.79 -1.51 -0.63
N PRO B 169 -7.52 -0.40 -0.78
CA PRO B 169 -6.96 0.95 -0.65
C PRO B 169 -6.10 1.12 0.60
N TYR B 170 -6.47 0.42 1.68
CA TYR B 170 -5.74 0.52 2.93
C TYR B 170 -4.24 0.26 2.73
N PHE B 171 -3.93 -0.67 1.82
CA PHE B 171 -2.55 -1.08 1.59
C PHE B 171 -1.83 -0.23 0.55
N THR B 172 -2.57 0.31 -0.42
CA THR B 172 -1.97 1.07 -1.51
C THR B 172 -2.00 2.58 -1.26
N TRP B 173 -2.77 3.01 -0.27
CA TRP B 173 -2.91 4.44 0.01
C TRP B 173 -1.59 5.07 0.50
N PRO B 174 -0.81 4.34 1.30
CA PRO B 174 0.45 4.90 1.77
C PRO B 174 1.24 5.56 0.65
N LEU B 175 1.36 4.87 -0.48
CA LEU B 175 2.08 5.40 -1.63
C LEU B 175 1.30 6.50 -2.34
N ILE B 176 0.02 6.25 -2.59
CA ILE B 176 -0.82 7.20 -3.30
C ILE B 176 -0.84 8.56 -2.62
N ALA B 177 -0.83 8.55 -1.29
CA ALA B 177 -1.02 9.78 -0.52
C ALA B 177 0.29 10.54 -0.27
N ALA B 178 1.41 9.83 -0.45
CA ALA B 178 2.72 10.38 -0.10
C ALA B 178 2.92 11.80 -0.61
N ASP B 179 2.60 12.05 -1.88
CA ASP B 179 2.92 13.32 -2.50
C ASP B 179 1.81 14.37 -2.37
N GLY B 180 0.89 14.16 -1.43
CA GLY B 180 -0.13 15.15 -1.14
C GLY B 180 -1.57 14.68 -1.28
N GLY B 181 -1.77 13.37 -1.25
CA GLY B 181 -3.12 12.82 -1.29
C GLY B 181 -3.70 12.73 0.11
N TYR B 182 -5.03 12.78 0.19
CA TYR B 182 -5.71 12.63 1.47
C TYR B 182 -7.19 12.31 1.28
N ALA B 183 -7.77 11.62 2.25
CA ALA B 183 -9.17 11.25 2.20
C ALA B 183 -10.04 12.51 2.34
N PHE B 184 -10.15 13.01 3.57
CA PHE B 184 -10.90 14.23 3.84
C PHE B 184 -10.03 15.22 4.60
N LYS B 185 -10.21 16.50 4.30
CA LYS B 185 -9.42 17.55 4.93
C LYS B 185 -9.69 17.62 6.43
N TYR B 186 -8.63 17.58 7.23
CA TYR B 186 -8.76 17.64 8.67
C TYR B 186 -8.19 18.93 9.24
N GLU B 187 -8.94 19.55 10.14
CA GLU B 187 -8.44 20.69 10.90
C GLU B 187 -9.37 20.98 12.07
N ASN B 188 -8.79 21.23 13.24
CA ASN B 188 -9.56 21.54 14.44
C ASN B 188 -10.54 20.43 14.81
N GLY B 189 -10.07 19.19 14.78
CA GLY B 189 -10.88 18.04 15.14
C GLY B 189 -12.13 17.92 14.30
N LYS B 190 -12.06 18.38 13.06
CA LYS B 190 -13.22 18.42 12.18
C LYS B 190 -12.82 18.05 10.76
N TYR B 191 -13.58 17.15 10.14
CA TYR B 191 -13.35 16.76 8.76
C TYR B 191 -14.32 17.47 7.83
N ASP B 192 -13.81 17.89 6.68
CA ASP B 192 -14.64 18.52 5.65
C ASP B 192 -15.10 17.48 4.64
N ILE B 193 -16.36 17.08 4.74
CA ILE B 193 -16.91 16.04 3.88
C ILE B 193 -16.70 16.35 2.41
N LYS B 194 -16.56 17.64 2.08
CA LYS B 194 -16.53 18.07 0.70
C LYS B 194 -15.11 18.21 0.16
N ASP B 195 -14.14 18.40 1.05
CA ASP B 195 -12.75 18.54 0.62
C ASP B 195 -12.06 17.18 0.58
N VAL B 196 -12.07 16.56 -0.60
CA VAL B 196 -11.45 15.26 -0.79
C VAL B 196 -10.18 15.41 -1.63
N GLY B 197 -9.12 14.74 -1.21
CA GLY B 197 -7.83 14.84 -1.89
C GLY B 197 -7.47 13.57 -2.62
N VAL B 198 -8.37 13.11 -3.48
CA VAL B 198 -8.19 11.84 -4.18
C VAL B 198 -7.68 12.05 -5.60
N ASP B 199 -8.11 13.14 -6.23
CA ASP B 199 -7.71 13.40 -7.62
C ASP B 199 -6.78 14.60 -7.75
N ASN B 200 -6.08 14.95 -6.67
CA ASN B 200 -5.11 16.03 -6.74
C ASN B 200 -3.77 15.53 -7.26
N ALA B 201 -2.89 16.45 -7.62
CA ALA B 201 -1.60 16.10 -8.24
C ALA B 201 -0.81 15.11 -7.39
N GLY B 202 -1.02 15.16 -6.08
CA GLY B 202 -0.32 14.26 -5.18
C GLY B 202 -0.76 12.83 -5.34
N ALA B 203 -2.07 12.63 -5.42
CA ALA B 203 -2.65 11.30 -5.56
C ALA B 203 -2.35 10.70 -6.94
N LYS B 204 -2.45 11.53 -7.98
CA LYS B 204 -2.22 11.07 -9.34
C LYS B 204 -0.77 10.65 -9.54
N ALA B 205 0.15 11.34 -8.87
CA ALA B 205 1.57 11.03 -8.98
C ALA B 205 1.88 9.69 -8.32
N GLY B 206 1.25 9.44 -7.18
CA GLY B 206 1.47 8.21 -6.44
C GLY B 206 0.89 6.99 -7.15
N LEU B 207 -0.37 7.08 -7.56
CA LEU B 207 -1.03 5.97 -8.24
C LEU B 207 -0.38 5.70 -9.59
N THR B 208 0.12 6.74 -10.24
CA THR B 208 0.81 6.58 -11.52
C THR B 208 2.08 5.77 -11.32
N PHE B 209 2.80 6.04 -10.24
CA PHE B 209 4.00 5.29 -9.93
C PHE B 209 3.65 3.84 -9.62
N LEU B 210 2.56 3.64 -8.90
CA LEU B 210 2.08 2.29 -8.57
C LEU B 210 1.73 1.52 -9.84
N VAL B 211 0.97 2.17 -10.72
CA VAL B 211 0.54 1.54 -11.97
C VAL B 211 1.74 1.24 -12.85
N ASP B 212 2.75 2.10 -12.80
CA ASP B 212 3.96 1.90 -13.60
C ASP B 212 4.73 0.66 -13.10
N LEU B 213 4.69 0.41 -11.79
CA LEU B 213 5.30 -0.80 -11.24
C LEU B 213 4.63 -2.04 -11.83
N ILE B 214 3.32 -1.96 -11.99
CA ILE B 214 2.54 -3.06 -12.56
C ILE B 214 2.73 -3.13 -14.07
N LYS B 215 2.74 -1.98 -14.72
CA LYS B 215 2.91 -1.93 -16.17
C LYS B 215 4.26 -2.54 -16.57
N ASN B 216 5.28 -2.26 -15.77
CA ASN B 216 6.62 -2.77 -16.03
C ASN B 216 6.87 -4.13 -15.38
N LYS B 217 5.83 -4.66 -14.74
CA LYS B 217 5.83 -6.04 -14.23
C LYS B 217 6.74 -6.24 -13.02
N HIS B 218 6.93 -5.18 -12.23
CA HIS B 218 7.58 -5.31 -10.94
C HIS B 218 6.59 -5.89 -9.94
N MET B 219 5.30 -5.67 -10.20
CA MET B 219 4.25 -6.26 -9.38
C MET B 219 3.10 -6.71 -10.28
N ASN B 220 2.24 -7.58 -9.76
CA ASN B 220 1.06 -8.05 -10.49
C ASN B 220 -0.21 -7.46 -9.90
N ALA B 221 -1.10 -6.99 -10.76
CA ALA B 221 -2.32 -6.32 -10.33
C ALA B 221 -3.23 -7.24 -9.52
N ASP B 222 -3.04 -8.55 -9.63
CA ASP B 222 -3.92 -9.50 -8.95
C ASP B 222 -3.38 -9.92 -7.57
N THR B 223 -2.24 -9.38 -7.18
CA THR B 223 -1.68 -9.72 -5.87
C THR B 223 -2.61 -9.25 -4.75
N ASP B 224 -2.99 -10.18 -3.89
CA ASP B 224 -3.85 -9.87 -2.75
C ASP B 224 -3.13 -10.21 -1.45
N TYR B 225 -3.87 -10.20 -0.34
CA TYR B 225 -3.28 -10.41 0.97
C TYR B 225 -2.60 -11.77 1.10
N SER B 226 -3.34 -12.83 0.78
CA SER B 226 -2.83 -14.19 0.95
C SER B 226 -1.63 -14.46 0.04
N ILE B 227 -1.69 -13.97 -1.19
CA ILE B 227 -0.62 -14.19 -2.15
C ILE B 227 0.66 -13.50 -1.71
N ALA B 228 0.55 -12.26 -1.27
CA ALA B 228 1.71 -11.50 -0.80
C ALA B 228 2.27 -12.14 0.45
N GLU B 229 1.39 -12.50 1.39
CA GLU B 229 1.81 -13.13 2.63
C GLU B 229 2.54 -14.44 2.36
N ALA B 230 1.97 -15.27 1.50
CA ALA B 230 2.55 -16.56 1.17
C ALA B 230 3.92 -16.38 0.51
N ALA B 231 4.01 -15.40 -0.37
CA ALA B 231 5.25 -15.13 -1.09
C ALA B 231 6.38 -14.70 -0.15
N PHE B 232 6.08 -13.81 0.78
CA PHE B 232 7.10 -13.31 1.69
C PHE B 232 7.55 -14.37 2.68
N ASN B 233 6.59 -15.10 3.24
CA ASN B 233 6.91 -16.08 4.28
C ASN B 233 7.69 -17.28 3.75
N LYS B 234 7.68 -17.48 2.44
CA LYS B 234 8.47 -18.56 1.84
C LYS B 234 9.68 -18.02 1.09
N GLY B 235 10.00 -16.75 1.33
CA GLY B 235 11.23 -16.16 0.82
C GLY B 235 11.28 -15.92 -0.68
N GLU B 236 10.11 -15.73 -1.30
CA GLU B 236 10.06 -15.49 -2.74
C GLU B 236 10.13 -14.01 -3.07
N THR B 237 9.76 -13.16 -2.12
CA THR B 237 9.85 -11.72 -2.31
C THR B 237 10.62 -11.10 -1.14
N ALA B 238 11.38 -10.05 -1.45
CA ALA B 238 12.27 -9.45 -0.47
C ALA B 238 11.52 -8.51 0.49
N MET B 239 10.38 -8.00 0.05
CA MET B 239 9.61 -7.06 0.85
C MET B 239 8.11 -7.29 0.76
N THR B 240 7.41 -6.79 1.77
CA THR B 240 5.95 -6.75 1.76
C THR B 240 5.52 -5.58 2.64
N ILE B 241 4.23 -5.26 2.60
CA ILE B 241 3.69 -4.22 3.45
C ILE B 241 2.55 -4.80 4.26
N ASN B 242 2.62 -4.63 5.57
CA ASN B 242 1.63 -5.21 6.46
C ASN B 242 1.72 -4.61 7.86
N GLY B 243 0.77 -4.98 8.72
CA GLY B 243 0.71 -4.48 10.08
C GLY B 243 1.14 -5.51 11.10
N PRO B 244 1.13 -5.12 12.39
CA PRO B 244 1.54 -5.97 13.51
C PRO B 244 0.81 -7.31 13.56
N TRP B 245 -0.41 -7.35 13.04
CA TRP B 245 -1.20 -8.58 13.06
C TRP B 245 -0.55 -9.68 12.22
N ALA B 246 0.28 -9.29 11.26
CA ALA B 246 0.89 -10.24 10.34
C ALA B 246 2.20 -10.82 10.87
N TRP B 247 2.82 -10.14 11.83
CA TRP B 247 4.10 -10.57 12.36
C TRP B 247 4.08 -12.02 12.81
N SER B 248 3.03 -12.42 13.53
CA SER B 248 2.95 -13.76 14.11
C SER B 248 3.06 -14.85 13.05
N ASN B 249 2.56 -14.58 11.85
CA ASN B 249 2.61 -15.55 10.77
C ASN B 249 3.99 -15.60 10.12
N ILE B 250 4.74 -14.50 10.23
CA ILE B 250 6.08 -14.44 9.69
C ILE B 250 7.06 -15.11 10.65
N ASP B 251 6.80 -14.96 11.94
CA ASP B 251 7.62 -15.61 12.96
C ASP B 251 7.60 -17.13 12.77
N THR B 252 6.41 -17.67 12.50
CA THR B 252 6.25 -19.10 12.31
C THR B 252 6.92 -19.56 11.02
N SER B 253 7.08 -18.64 10.07
CA SER B 253 7.75 -18.94 8.82
C SER B 253 9.27 -18.92 9.01
N LYS B 254 9.70 -18.36 10.13
CA LYS B 254 11.11 -18.34 10.50
C LYS B 254 11.96 -17.59 9.48
N VAL B 255 11.32 -16.73 8.70
CA VAL B 255 12.05 -15.84 7.81
C VAL B 255 12.71 -14.75 8.64
N ASN B 256 13.99 -14.51 8.40
CA ASN B 256 14.70 -13.46 9.11
C ASN B 256 14.26 -12.10 8.59
N TYR B 257 13.18 -11.58 9.14
CA TYR B 257 12.58 -10.36 8.64
C TYR B 257 12.83 -9.18 9.58
N GLY B 258 12.71 -7.97 9.02
CA GLY B 258 12.78 -6.76 9.79
C GLY B 258 11.56 -5.90 9.51
N VAL B 259 11.23 -5.02 10.44
CA VAL B 259 10.13 -4.09 10.26
C VAL B 259 10.68 -2.68 10.37
N THR B 260 10.41 -1.85 9.36
CA THR B 260 11.02 -0.54 9.30
C THR B 260 10.11 0.49 8.66
N VAL B 261 10.61 1.73 8.57
CA VAL B 261 9.85 2.83 8.00
C VAL B 261 9.54 2.56 6.53
N LEU B 262 8.34 2.98 6.11
CA LEU B 262 7.94 2.85 4.72
C LEU B 262 8.82 3.74 3.85
N PRO B 263 9.02 3.33 2.59
CA PRO B 263 9.85 4.16 1.70
C PRO B 263 9.19 5.51 1.42
N THR B 264 10.00 6.51 1.08
CA THR B 264 9.50 7.81 0.72
C THR B 264 9.17 7.88 -0.77
N PHE B 265 8.27 8.79 -1.13
CA PHE B 265 7.96 9.02 -2.54
C PHE B 265 8.09 10.50 -2.84
N LYS B 266 8.99 10.84 -3.76
CA LYS B 266 9.27 12.23 -4.08
C LYS B 266 9.70 12.99 -2.82
N GLY B 267 10.53 12.35 -2.01
CA GLY B 267 11.06 12.96 -0.80
C GLY B 267 10.04 13.05 0.32
N GLN B 268 8.88 12.42 0.12
CA GLN B 268 7.80 12.47 1.08
C GLN B 268 7.62 11.09 1.72
N PRO B 269 7.31 11.06 3.02
CA PRO B 269 7.05 9.76 3.66
C PRO B 269 5.75 9.15 3.15
N SER B 270 5.72 7.82 3.03
CA SER B 270 4.46 7.15 2.73
C SER B 270 3.51 7.45 3.88
N LYS B 271 2.24 7.64 3.56
CA LYS B 271 1.26 8.02 4.58
C LYS B 271 0.22 6.92 4.78
N PRO B 272 0.56 5.91 5.59
CA PRO B 272 -0.41 4.86 5.92
C PRO B 272 -1.52 5.40 6.80
N PHE B 273 -2.70 4.81 6.69
CA PHE B 273 -3.80 5.16 7.58
C PHE B 273 -3.49 4.67 8.99
N VAL B 274 -3.78 5.51 9.98
CA VAL B 274 -3.50 5.16 11.36
C VAL B 274 -4.78 4.74 12.08
N GLY B 275 -4.74 3.57 12.70
CA GLY B 275 -5.82 3.09 13.52
C GLY B 275 -5.45 3.23 14.98
N VAL B 276 -6.33 3.86 15.75
CA VAL B 276 -6.08 4.11 17.16
C VAL B 276 -7.16 3.48 18.03
N LEU B 277 -6.82 2.37 18.68
CA LEU B 277 -7.74 1.76 19.63
C LEU B 277 -8.05 2.78 20.72
N SER B 278 -9.31 3.19 20.80
CA SER B 278 -9.71 4.25 21.71
C SER B 278 -10.83 3.80 22.64
N ALA B 279 -10.97 4.51 23.76
CA ALA B 279 -11.99 4.20 24.75
C ALA B 279 -12.93 5.38 24.93
N GLY B 280 -14.18 5.20 24.56
CA GLY B 280 -15.18 6.24 24.69
C GLY B 280 -16.05 6.05 25.91
N ILE B 281 -16.61 7.14 26.42
CA ILE B 281 -17.53 7.08 27.54
C ILE B 281 -18.95 7.30 27.02
N ASN B 282 -19.85 6.38 27.37
CA ASN B 282 -21.23 6.45 26.91
C ASN B 282 -21.92 7.71 27.44
N ALA B 283 -22.67 8.38 26.57
CA ALA B 283 -23.34 9.62 26.94
C ALA B 283 -24.43 9.39 27.98
N ALA B 284 -24.92 8.15 28.06
CA ALA B 284 -26.01 7.81 28.98
C ALA B 284 -25.47 7.34 30.33
N SER B 285 -24.14 7.22 30.45
CA SER B 285 -23.55 6.79 31.71
C SER B 285 -23.61 7.92 32.73
N PRO B 286 -24.00 7.61 33.97
CA PRO B 286 -23.96 8.58 35.07
C PRO B 286 -22.57 8.62 35.71
N ASN B 287 -21.70 7.71 35.28
CA ASN B 287 -20.37 7.57 35.86
C ASN B 287 -19.29 8.20 34.99
N LYS B 288 -19.60 9.34 34.37
CA LYS B 288 -18.67 10.01 33.48
C LYS B 288 -17.35 10.29 34.18
N GLU B 289 -17.39 11.11 35.23
CA GLU B 289 -16.18 11.48 35.96
C GLU B 289 -15.52 10.27 36.59
N LEU B 290 -16.31 9.24 36.86
CA LEU B 290 -15.78 8.01 37.45
C LEU B 290 -15.05 7.19 36.40
N ALA B 291 -15.61 7.14 35.19
CA ALA B 291 -14.98 6.44 34.08
C ALA B 291 -13.69 7.15 33.69
N LYS B 292 -13.69 8.48 33.85
CA LYS B 292 -12.53 9.29 33.55
C LYS B 292 -11.36 8.93 34.47
N GLU B 293 -11.67 8.53 35.70
CA GLU B 293 -10.64 8.18 36.66
C GLU B 293 -10.07 6.79 36.39
N PHE B 294 -10.91 5.90 35.87
CA PHE B 294 -10.46 4.56 35.52
C PHE B 294 -9.52 4.59 34.32
N LEU B 295 -9.87 5.40 33.32
CA LEU B 295 -9.10 5.48 32.09
C LEU B 295 -7.82 6.29 32.27
N GLU B 296 -7.93 7.45 32.92
CA GLU B 296 -6.78 8.36 33.06
C GLU B 296 -5.78 7.92 34.13
N ASN B 297 -6.28 7.31 35.21
CA ASN B 297 -5.43 7.03 36.37
C ASN B 297 -5.22 5.56 36.67
N TYR B 298 -5.88 4.68 35.93
CA TYR B 298 -5.76 3.24 36.18
C TYR B 298 -5.46 2.42 34.92
N LEU B 299 -5.98 2.84 33.78
CA LEU B 299 -5.69 2.14 32.53
C LEU B 299 -4.51 2.79 31.79
N LEU B 300 -4.58 4.11 31.63
CA LEU B 300 -3.53 4.81 30.89
C LEU B 300 -2.33 5.12 31.77
N THR B 301 -1.70 4.05 32.27
CA THR B 301 -0.47 4.13 33.03
C THR B 301 0.41 2.99 32.59
N ASP B 302 1.66 2.97 33.05
CA ASP B 302 2.57 1.89 32.73
C ASP B 302 2.00 0.56 33.23
N GLU B 303 1.43 0.57 34.42
CA GLU B 303 0.89 -0.63 35.03
C GLU B 303 -0.35 -1.11 34.28
N GLY B 304 -1.28 -0.19 34.04
CA GLY B 304 -2.53 -0.51 33.38
C GLY B 304 -2.33 -1.12 32.00
N LEU B 305 -1.49 -0.49 31.19
CA LEU B 305 -1.28 -0.94 29.81
C LEU B 305 -0.51 -2.26 29.75
N GLU B 306 0.38 -2.49 30.71
CA GLU B 306 1.13 -3.74 30.77
C GLU B 306 0.21 -4.89 31.15
N ALA B 307 -0.70 -4.63 32.08
CA ALA B 307 -1.67 -5.63 32.51
C ALA B 307 -2.45 -6.16 31.32
N VAL B 308 -2.77 -5.26 30.40
CA VAL B 308 -3.50 -5.62 29.19
C VAL B 308 -2.56 -6.25 28.17
N ASN B 309 -1.42 -5.59 27.96
CA ASN B 309 -0.43 -6.05 26.99
C ASN B 309 0.02 -7.49 27.24
N LYS B 310 0.02 -7.89 28.51
CA LYS B 310 0.41 -9.24 28.89
C LYS B 310 -0.52 -10.28 28.29
N ASP B 311 -1.83 -10.01 28.36
CA ASP B 311 -2.82 -10.94 27.83
C ASP B 311 -2.72 -11.03 26.31
N LYS B 312 -2.79 -9.87 25.66
CA LYS B 312 -2.65 -9.81 24.21
C LYS B 312 -1.98 -8.51 23.81
N PRO B 313 -0.82 -8.59 23.14
CA PRO B 313 -0.04 -7.42 22.74
C PRO B 313 -0.88 -6.29 22.13
N LEU B 314 -0.73 -5.08 22.68
CA LEU B 314 -1.43 -3.91 22.17
C LEU B 314 -0.74 -3.33 20.95
N GLY B 315 0.50 -3.74 20.73
CA GLY B 315 1.35 -3.11 19.73
C GLY B 315 1.85 -1.78 20.28
N ALA B 316 1.90 -0.77 19.42
CA ALA B 316 2.32 0.56 19.85
C ALA B 316 1.21 1.23 20.66
N VAL B 317 1.59 1.97 21.70
CA VAL B 317 0.62 2.61 22.58
C VAL B 317 0.74 4.13 22.52
N ALA B 318 -0.32 4.81 22.94
CA ALA B 318 -0.37 6.27 22.87
C ALA B 318 0.34 6.92 24.06
N LEU B 319 0.46 6.18 25.16
CA LEU B 319 1.15 6.69 26.34
C LEU B 319 2.65 6.71 26.10
N LYS B 320 3.25 7.89 26.16
CA LYS B 320 4.68 8.05 25.86
C LYS B 320 5.55 7.15 26.74
N SER B 321 5.32 7.20 28.05
CA SER B 321 6.16 6.47 28.99
C SER B 321 6.24 4.99 28.63
N TYR B 322 5.08 4.36 28.43
CA TYR B 322 5.05 2.92 28.16
C TYR B 322 5.48 2.58 26.73
N GLU B 323 5.15 3.44 25.79
CA GLU B 323 5.55 3.25 24.40
C GLU B 323 7.07 3.21 24.30
N GLU B 324 7.74 4.07 25.08
CA GLU B 324 9.19 4.13 25.07
C GLU B 324 9.80 2.82 25.58
N GLU B 325 9.03 2.09 26.39
CA GLU B 325 9.46 0.79 26.87
C GLU B 325 9.15 -0.29 25.82
N LEU B 326 7.98 -0.19 25.20
CA LEU B 326 7.59 -1.13 24.15
C LEU B 326 8.47 -0.97 22.92
N ALA B 327 8.86 0.27 22.64
CA ALA B 327 9.65 0.58 21.46
C ALA B 327 11.03 -0.07 21.48
N LYS B 328 11.37 -0.74 22.58
CA LYS B 328 12.59 -1.54 22.64
C LYS B 328 12.51 -2.67 21.62
N ASP B 329 11.29 -3.00 21.22
CA ASP B 329 11.05 -3.87 20.09
C ASP B 329 11.00 -3.01 18.84
N PRO B 330 12.01 -3.15 17.97
CA PRO B 330 12.11 -2.27 16.79
C PRO B 330 10.87 -2.33 15.89
N ARG B 331 10.15 -3.44 15.93
CA ARG B 331 8.96 -3.60 15.10
C ARG B 331 7.86 -2.66 15.57
N ILE B 332 7.74 -2.52 16.89
CA ILE B 332 6.78 -1.58 17.47
C ILE B 332 7.25 -0.16 17.24
N ALA B 333 8.56 0.07 17.35
CA ALA B 333 9.14 1.37 17.11
C ALA B 333 8.85 1.83 15.69
N ALA B 334 8.96 0.90 14.74
CA ALA B 334 8.67 1.19 13.34
C ALA B 334 7.19 1.49 13.15
N THR B 335 6.34 0.74 13.84
CA THR B 335 4.90 0.95 13.74
C THR B 335 4.54 2.37 14.16
N MET B 336 5.12 2.82 15.28
CA MET B 336 4.84 4.17 15.77
C MET B 336 5.38 5.21 14.80
N GLU B 337 6.59 4.96 14.27
CA GLU B 337 7.22 5.91 13.36
C GLU B 337 6.37 6.12 12.12
N ASN B 338 5.90 5.02 11.53
CA ASN B 338 5.03 5.10 10.36
C ASN B 338 3.68 5.73 10.69
N ALA B 339 3.18 5.45 11.90
CA ALA B 339 1.92 6.03 12.36
C ALA B 339 2.04 7.54 12.51
N GLN B 340 3.13 8.00 13.11
CA GLN B 340 3.36 9.43 13.31
C GLN B 340 3.47 10.17 11.99
N LYS B 341 3.92 9.47 10.95
CA LYS B 341 4.08 10.06 9.63
C LYS B 341 2.87 9.77 8.75
N GLY B 342 1.93 8.97 9.26
CA GLY B 342 0.80 8.55 8.47
C GLY B 342 -0.40 9.48 8.54
N GLU B 343 -1.48 9.09 7.88
CA GLU B 343 -2.72 9.86 7.90
C GLU B 343 -3.71 9.21 8.84
N ILE B 344 -4.07 9.92 9.90
CA ILE B 344 -5.10 9.43 10.80
C ILE B 344 -6.34 9.10 9.98
N MET B 345 -6.88 7.91 10.17
CA MET B 345 -8.07 7.50 9.44
C MET B 345 -9.25 8.36 9.87
N PRO B 346 -9.82 9.13 8.92
CA PRO B 346 -11.02 9.91 9.26
C PRO B 346 -12.03 9.05 10.00
N ASN B 347 -12.59 9.59 11.08
CA ASN B 347 -13.52 8.82 11.90
C ASN B 347 -14.96 9.09 11.53
N ILE B 348 -15.17 9.64 10.34
CA ILE B 348 -16.49 10.10 9.92
C ILE B 348 -17.14 9.05 8.99
N PRO B 349 -18.48 8.91 9.08
CA PRO B 349 -19.20 7.89 8.30
C PRO B 349 -18.93 7.94 6.79
N GLN B 350 -18.69 9.13 6.27
CA GLN B 350 -18.46 9.31 4.83
C GLN B 350 -17.23 8.53 4.37
N MET B 351 -16.43 8.05 5.31
CA MET B 351 -15.25 7.26 4.97
C MET B 351 -15.65 5.95 4.27
N SER B 352 -16.88 5.51 4.50
CA SER B 352 -17.39 4.32 3.82
C SER B 352 -17.40 4.56 2.31
N ALA B 353 -17.78 5.78 1.93
CA ALA B 353 -17.79 6.17 0.51
C ALA B 353 -16.39 6.17 -0.06
N PHE B 354 -15.43 6.64 0.73
CA PHE B 354 -14.04 6.69 0.31
C PHE B 354 -13.50 5.31 0.00
N TRP B 355 -13.60 4.39 0.98
CA TRP B 355 -13.15 3.02 0.79
C TRP B 355 -13.74 2.42 -0.48
N TYR B 356 -15.03 2.62 -0.65
CA TYR B 356 -15.78 2.04 -1.76
C TYR B 356 -15.27 2.54 -3.11
N ALA B 357 -15.14 3.86 -3.23
CA ALA B 357 -14.78 4.48 -4.49
C ALA B 357 -13.31 4.26 -4.84
N VAL B 358 -12.43 4.47 -3.87
CA VAL B 358 -11.00 4.35 -4.12
C VAL B 358 -10.60 2.91 -4.42
N ARG B 359 -11.25 1.96 -3.75
CA ARG B 359 -10.96 0.55 -4.00
C ARG B 359 -11.17 0.20 -5.46
N THR B 360 -12.19 0.77 -6.07
CA THR B 360 -12.49 0.51 -7.47
C THR B 360 -11.53 1.24 -8.39
N ALA B 361 -11.16 2.45 -8.00
CA ALA B 361 -10.27 3.27 -8.81
C ALA B 361 -8.88 2.64 -8.95
N VAL B 362 -8.35 2.14 -7.84
CA VAL B 362 -7.01 1.55 -7.84
C VAL B 362 -7.00 0.24 -8.63
N ILE B 363 -8.00 -0.59 -8.41
CA ILE B 363 -8.11 -1.85 -9.13
C ILE B 363 -8.26 -1.60 -10.63
N ASN B 364 -8.97 -0.54 -10.98
CA ASN B 364 -9.19 -0.21 -12.38
C ASN B 364 -7.95 0.42 -13.03
N ALA B 365 -7.28 1.29 -12.30
CA ALA B 365 -6.05 1.91 -12.81
C ALA B 365 -4.97 0.84 -12.95
N ALA B 366 -4.96 -0.10 -12.02
CA ALA B 366 -3.93 -1.15 -11.99
C ALA B 366 -4.11 -2.15 -13.12
N SER B 367 -5.35 -2.32 -13.57
CA SER B 367 -5.65 -3.28 -14.62
C SER B 367 -5.74 -2.59 -15.99
N GLY B 368 -5.56 -1.28 -16.01
CA GLY B 368 -5.64 -0.53 -17.26
C GLY B 368 -7.07 -0.31 -17.72
N ARG B 369 -8.04 -0.77 -16.95
CA ARG B 369 -9.45 -0.60 -17.28
C ARG B 369 -9.77 0.90 -17.36
N GLN B 370 -9.14 1.67 -16.48
CA GLN B 370 -9.22 3.12 -16.52
C GLN B 370 -7.82 3.72 -16.44
N THR B 371 -7.64 4.92 -16.96
CA THR B 371 -6.39 5.64 -16.78
C THR B 371 -6.35 6.16 -15.36
N VAL B 372 -5.18 6.61 -14.92
CA VAL B 372 -5.06 7.16 -13.57
C VAL B 372 -6.02 8.32 -13.38
N ASP B 373 -5.99 9.27 -14.31
CA ASP B 373 -6.82 10.46 -14.23
C ASP B 373 -8.30 10.09 -14.18
N GLU B 374 -8.71 9.20 -15.07
CA GLU B 374 -10.10 8.74 -15.12
C GLU B 374 -10.51 8.08 -13.81
N ALA B 375 -9.64 7.21 -13.30
CA ALA B 375 -9.95 6.43 -12.10
C ALA B 375 -10.10 7.31 -10.86
N LEU B 376 -9.19 8.27 -10.70
CA LEU B 376 -9.19 9.12 -9.52
C LEU B 376 -10.28 10.18 -9.59
N LYS B 377 -10.64 10.60 -10.79
CA LYS B 377 -11.74 11.54 -10.95
C LYS B 377 -13.03 10.90 -10.46
N ASP B 378 -13.28 9.66 -10.88
CA ASP B 378 -14.44 8.91 -10.41
C ASP B 378 -14.41 8.75 -8.90
N ALA B 379 -13.23 8.44 -8.37
CA ALA B 379 -13.07 8.23 -6.94
C ALA B 379 -13.31 9.52 -6.16
N GLN B 380 -12.80 10.63 -6.70
CA GLN B 380 -13.00 11.94 -6.09
C GLN B 380 -14.50 12.21 -5.95
N THR B 381 -15.23 12.03 -7.04
CA THR B 381 -16.68 12.25 -7.05
C THR B 381 -17.38 11.23 -6.16
N GLY B 382 -16.96 9.97 -6.27
CA GLY B 382 -17.58 8.89 -5.51
C GLY B 382 -17.39 9.03 -4.01
N SER B 383 -16.30 9.69 -3.62
CA SER B 383 -16.00 9.89 -2.21
C SER B 383 -16.78 11.07 -1.64
N GLY B 384 -17.43 11.84 -2.52
CA GLY B 384 -18.25 12.96 -2.10
C GLY B 384 -17.60 14.31 -2.30
N GLY B 385 -16.54 14.35 -3.11
CA GLY B 385 -15.81 15.58 -3.35
C GLY B 385 -16.03 16.13 -4.74
N THR B 386 -15.28 17.19 -5.07
CA THR B 386 -15.37 17.82 -6.38
C THR B 386 -13.98 17.89 -7.02
N PRO B 387 -13.92 17.91 -8.36
CA PRO B 387 -12.64 17.97 -9.08
C PRO B 387 -12.00 19.35 -8.99
HG HG C . 8.51 -21.40 -27.61
#